data_7V13
#
_entry.id   7V13
#
_cell.length_a   59.250
_cell.length_b   59.510
_cell.length_c   66.760
_cell.angle_alpha   90.000
_cell.angle_beta   90.000
_cell.angle_gamma   90.000
#
_symmetry.space_group_name_H-M   'P 21 21 21'
#
loop_
_entity.id
_entity.type
_entity.pdbx_description
1 polymer 'Coagulation factor XIa light chain'
2 non-polymer 'CITRIC ACID'
3 non-polymer 3-chloranyl-4-[1-[(1~{R})-1-[5-[3-chloranyl-2-fluoranyl-6-(1,2,3,4-tetrazol-1-yl)phenyl]-1-oxidanyl-pyridin-2-yl]-2-cyclopropyl-ethyl]pyrazol-4-yl]-5-fluoranyl-pyridine
4 water water
#
_entity_poly.entity_id   1
_entity_poly.type   'polypeptide(L)'
_entity_poly.pdbx_seq_one_letter_code
;IVGGTASVRGEWPWQVTLHTTSPTQRHLCGGSIIGNQWILTAAHCFYGVESPKILRVYSGILNQSEIKEDTSFFGVQEII
IHDQYKMAESGYDIALLKLETTVNYTDSQRPISLPSKGDRNVIYTDCWVTGWGYRKLRDKIQNTLQKAKIPLVTNEECQK
RYRGHKITHKMICAGYREGGKDACKGDSGGPLSCKHNEVWHLVGITSWGEGCAQRERPGVYTNVVEYVDWILEKTQAV
;
_entity_poly.pdbx_strand_id   A
#
loop_
_chem_comp.id
_chem_comp.type
_chem_comp.name
_chem_comp.formula
CIT non-polymer 'CITRIC ACID' 'C6 H8 O7'
ORF non-polymer 3-chloranyl-4-[1-[(1~{R})-1-[5-[3-chloranyl-2-fluoranyl-6-(1,2,3,4-tetrazol-1-yl)phenyl]-1-oxidanyl-pyridin-2-yl]-2-cyclopropyl-ethyl]pyrazol-4-yl]-5-fluoranyl-pyridine 'C25 H18 Cl2 F2 N8 O'
#
# COMPACT_ATOMS: atom_id res chain seq x y z
N ILE A 1 4.76 9.89 3.63
CA ILE A 1 4.27 10.68 2.50
C ILE A 1 4.96 12.03 2.46
N VAL A 2 5.62 12.34 1.34
CA VAL A 2 6.22 13.65 1.12
C VAL A 2 5.20 14.58 0.51
N GLY A 3 5.13 15.79 1.03
CA GLY A 3 4.29 16.81 0.44
C GLY A 3 2.80 16.59 0.65
N GLY A 4 2.43 15.74 1.60
CA GLY A 4 1.04 15.45 1.87
C GLY A 4 0.50 16.26 3.03
N THR A 5 -0.70 15.88 3.46
CA THR A 5 -1.38 16.56 4.55
C THR A 5 -2.08 15.53 5.41
N ALA A 6 -2.44 15.95 6.62
CA ALA A 6 -3.06 15.02 7.56
C ALA A 6 -4.45 14.60 7.09
N SER A 7 -4.76 13.34 7.31
CA SER A 7 -6.11 12.83 7.09
C SER A 7 -6.95 13.04 8.35
N VAL A 8 -8.26 12.88 8.19
CA VAL A 8 -9.17 12.94 9.32
C VAL A 8 -9.72 11.54 9.57
N ARG A 9 -10.29 11.35 10.74
CA ARG A 9 -10.80 10.05 11.14
C ARG A 9 -11.86 9.58 10.14
N GLY A 10 -11.72 8.32 9.71
CA GLY A 10 -12.67 7.70 8.81
C GLY A 10 -12.45 8.00 7.33
N GLU A 11 -11.43 8.77 6.99
CA GLU A 11 -11.26 9.23 5.61
C GLU A 11 -10.75 8.13 4.68
N TRP A 12 -9.93 7.21 5.17
CA TRP A 12 -9.36 6.13 4.36
C TRP A 12 -9.60 4.81 5.09
N PRO A 13 -10.85 4.33 5.14
CA PRO A 13 -11.16 3.24 6.07
C PRO A 13 -10.63 1.87 5.64
N TRP A 14 -10.08 1.73 4.43
CA TRP A 14 -9.43 0.48 4.05
C TRP A 14 -7.95 0.45 4.44
N GLN A 15 -7.41 1.57 4.91
CA GLN A 15 -6.00 1.64 5.26
C GLN A 15 -5.77 0.98 6.62
N VAL A 16 -4.80 0.08 6.67
CA VAL A 16 -4.39 -0.52 7.93
C VAL A 16 -2.93 -0.22 8.19
N THR A 17 -2.54 -0.35 9.45
CA THR A 17 -1.14 -0.30 9.83
C THR A 17 -0.75 -1.69 10.31
N LEU A 18 0.24 -2.27 9.65
CA LEU A 18 0.77 -3.57 10.00
C LEU A 18 1.93 -3.36 10.96
N HIS A 19 1.84 -3.91 12.17
CA HIS A 19 2.89 -3.81 13.15
C HIS A 19 3.66 -5.12 13.26
N THR A 20 4.96 -5.01 13.42
CA THR A 20 5.73 -6.13 13.94
C THR A 20 5.87 -5.97 15.45
N THR A 21 6.11 -7.09 16.12
CA THR A 21 6.35 -7.06 17.57
C THR A 21 7.69 -7.68 17.94
N SER A 22 8.64 -7.73 16.99
CA SER A 22 9.92 -8.37 17.24
C SER A 22 11.02 -7.46 16.70
N PRO A 23 11.97 -7.01 17.54
CA PRO A 23 12.05 -7.27 18.98
C PRO A 23 11.21 -6.31 19.83
N THR A 24 10.59 -5.34 19.17
CA THR A 24 9.70 -4.42 19.86
C THR A 24 8.57 -4.05 18.90
N GLN A 25 7.48 -3.53 19.45
CA GLN A 25 6.32 -3.26 18.62
C GLN A 25 6.48 -1.93 17.88
N ARG A 26 6.26 -1.96 16.57
CA ARG A 26 6.36 -0.75 15.77
C ARG A 26 5.67 -0.98 14.42
N HIS A 27 5.26 0.13 13.82
CA HIS A 27 4.71 0.09 12.47
C HIS A 27 5.76 -0.43 11.50
N LEU A 28 5.33 -1.38 10.65
CA LEU A 28 6.17 -1.99 9.64
C LEU A 28 5.79 -1.56 8.23
N CYS A 29 4.50 -1.58 7.92
CA CYS A 29 4.04 -1.36 6.56
C CYS A 29 2.59 -0.92 6.58
N GLY A 30 2.17 -0.32 5.48
CA GLY A 30 0.76 -0.14 5.23
C GLY A 30 0.14 -1.39 4.62
N GLY A 31 -1.20 -1.36 4.55
CA GLY A 31 -1.93 -2.40 3.84
C GLY A 31 -3.34 -1.93 3.60
N SER A 32 -4.09 -2.72 2.81
CA SER A 32 -5.45 -2.39 2.43
C SER A 32 -6.40 -3.54 2.72
N ILE A 33 -7.55 -3.22 3.32
CA ILE A 33 -8.61 -4.22 3.50
C ILE A 33 -9.27 -4.48 2.14
N ILE A 34 -9.22 -5.74 1.68
CA ILE A 34 -9.93 -6.13 0.46
C ILE A 34 -10.98 -7.19 0.70
N GLY A 35 -11.09 -7.72 1.91
CA GLY A 35 -12.14 -8.67 2.23
C GLY A 35 -12.19 -8.77 3.74
N ASN A 36 -13.22 -9.44 4.26
CA ASN A 36 -13.38 -9.44 5.71
C ASN A 36 -12.24 -10.14 6.41
N GLN A 37 -11.54 -11.03 5.73
CA GLN A 37 -10.40 -11.75 6.30
CA GLN A 37 -10.39 -11.70 6.34
C GLN A 37 -9.11 -11.51 5.53
N TRP A 38 -9.06 -10.48 4.68
CA TRP A 38 -7.96 -10.33 3.73
C TRP A 38 -7.40 -8.91 3.66
N ILE A 39 -6.08 -8.81 3.84
CA ILE A 39 -5.31 -7.58 3.66
C ILE A 39 -4.40 -7.75 2.46
N LEU A 40 -4.35 -6.75 1.58
CA LEU A 40 -3.38 -6.75 0.48
C LEU A 40 -2.25 -5.78 0.83
N THR A 41 -1.01 -6.25 0.71
CA THR A 41 0.15 -5.44 1.08
C THR A 41 1.32 -5.81 0.17
N ALA A 42 2.52 -5.36 0.53
CA ALA A 42 3.72 -5.62 -0.27
C ALA A 42 4.52 -6.79 0.29
N ALA A 43 5.03 -7.62 -0.62
CA ALA A 43 5.87 -8.75 -0.22
C ALA A 43 7.13 -8.31 0.51
N HIS A 44 7.72 -7.19 0.08
CA HIS A 44 8.98 -6.72 0.65
C HIS A 44 8.86 -6.45 2.15
N CYS A 45 7.65 -6.17 2.63
CA CYS A 45 7.44 -5.91 4.06
C CYS A 45 7.93 -7.04 4.94
N PHE A 46 7.95 -8.27 4.42
CA PHE A 46 8.20 -9.42 5.28
C PHE A 46 9.63 -9.91 5.25
N TYR A 47 10.54 -9.10 4.70
CA TYR A 47 11.96 -9.39 4.83
C TYR A 47 12.33 -9.46 6.31
N GLY A 48 12.84 -10.59 6.74
CA GLY A 48 13.21 -10.68 8.14
C GLY A 48 12.07 -10.78 9.13
N VAL A 49 10.84 -10.99 8.65
CA VAL A 49 9.74 -11.42 9.52
C VAL A 49 9.81 -12.94 9.65
N GLU A 50 10.00 -13.43 10.89
CA GLU A 50 10.29 -14.84 11.07
C GLU A 50 9.05 -15.71 10.90
N SER A 51 7.87 -15.17 11.20
CA SER A 51 6.63 -15.91 11.00
C SER A 51 5.45 -14.97 11.21
N PRO A 52 4.23 -15.38 10.89
CA PRO A 52 3.08 -14.50 11.14
C PRO A 52 2.81 -14.27 12.61
N LYS A 53 3.41 -15.07 13.50
CA LYS A 53 3.13 -14.97 14.93
C LYS A 53 3.40 -13.56 15.46
N ILE A 54 4.38 -12.87 14.89
CA ILE A 54 4.80 -11.58 15.45
C ILE A 54 4.06 -10.39 14.85
N LEU A 55 3.14 -10.62 13.93
CA LEU A 55 2.43 -9.53 13.26
C LEU A 55 1.15 -9.18 14.00
N ARG A 56 0.79 -7.90 13.92
CA ARG A 56 -0.51 -7.40 14.39
C ARG A 56 -1.05 -6.47 13.31
N VAL A 57 -2.32 -6.64 12.94
CA VAL A 57 -2.98 -5.74 11.98
C VAL A 57 -3.93 -4.85 12.75
N TYR A 58 -3.75 -3.54 12.66
CA TYR A 58 -4.65 -2.57 13.26
C TYR A 58 -5.43 -1.84 12.18
N SER A 59 -6.75 -1.82 12.32
CA SER A 59 -7.62 -1.08 11.43
C SER A 59 -8.30 0.03 12.20
N GLY A 60 -8.87 0.97 11.45
CA GLY A 60 -9.56 2.08 12.07
C GLY A 60 -8.65 3.04 12.81
N ILE A 61 -7.37 3.07 12.47
CA ILE A 61 -6.39 3.90 13.17
C ILE A 61 -6.13 5.16 12.37
N LEU A 62 -6.27 6.31 13.02
CA LEU A 62 -5.82 7.58 12.45
C LEU A 62 -4.43 7.94 12.96
N ASN A 63 -4.26 7.98 14.28
CA ASN A 63 -2.97 8.30 14.89
C ASN A 63 -2.34 7.04 15.45
N GLN A 64 -1.05 6.84 15.15
CA GLN A 64 -0.32 5.71 15.74
C GLN A 64 -0.38 5.74 17.27
N SER A 65 -0.43 6.93 17.86
CA SER A 65 -0.51 7.06 19.33
C SER A 65 -1.79 6.49 19.91
N GLU A 66 -2.80 6.21 19.08
CA GLU A 66 -4.03 5.55 19.53
C GLU A 66 -3.78 4.12 20.01
N ILE A 67 -2.70 3.49 19.56
CA ILE A 67 -2.49 2.07 19.78
C ILE A 67 -1.84 1.88 21.15
N LYS A 68 -2.55 1.24 22.08
CA LYS A 68 -2.06 0.97 23.42
C LYS A 68 -2.22 -0.52 23.69
N GLU A 69 -1.89 -0.93 24.92
CA GLU A 69 -1.77 -2.35 25.23
C GLU A 69 -3.11 -3.09 25.15
N ASP A 70 -4.23 -2.38 25.25
CA ASP A 70 -5.55 -3.01 25.14
C ASP A 70 -6.27 -2.64 23.85
N THR A 71 -5.56 -2.06 22.89
CA THR A 71 -6.17 -1.80 21.59
C THR A 71 -6.33 -3.11 20.83
N SER A 72 -7.53 -3.36 20.32
CA SER A 72 -7.77 -4.60 19.60
C SER A 72 -7.05 -4.58 18.25
N PHE A 73 -6.57 -5.76 17.86
CA PHE A 73 -5.89 -5.96 16.58
C PHE A 73 -6.31 -7.31 16.06
N PHE A 74 -6.00 -7.56 14.78
CA PHE A 74 -6.24 -8.85 14.16
C PHE A 74 -4.94 -9.63 14.09
N GLY A 75 -4.97 -10.88 14.52
CA GLY A 75 -3.87 -11.78 14.26
C GLY A 75 -3.83 -12.17 12.79
N VAL A 76 -2.65 -12.59 12.36
CA VAL A 76 -2.41 -13.01 10.99
C VAL A 76 -2.27 -14.52 10.98
N GLN A 77 -3.14 -15.18 10.23
CA GLN A 77 -3.17 -16.62 10.10
C GLN A 77 -2.14 -17.11 9.08
N GLU A 78 -1.96 -16.36 8.00
CA GLU A 78 -1.09 -16.77 6.89
C GLU A 78 -0.58 -15.52 6.18
N ILE A 79 0.69 -15.56 5.77
CA ILE A 79 1.26 -14.59 4.84
C ILE A 79 1.42 -15.30 3.50
N ILE A 80 0.78 -14.77 2.45
CA ILE A 80 0.87 -15.38 1.11
C ILE A 80 1.65 -14.42 0.23
N ILE A 81 2.91 -14.75 -0.03
CA ILE A 81 3.75 -13.93 -0.89
C ILE A 81 3.76 -14.52 -2.27
N HIS A 82 3.72 -13.66 -3.29
CA HIS A 82 3.75 -14.15 -4.66
C HIS A 82 4.99 -15.02 -4.89
N ASP A 83 4.77 -16.17 -5.56
CA ASP A 83 5.83 -17.17 -5.73
C ASP A 83 7.03 -16.65 -6.50
N GLN A 84 6.87 -15.62 -7.31
CA GLN A 84 7.97 -15.12 -8.11
C GLN A 84 8.65 -13.91 -7.49
N TYR A 85 8.21 -13.47 -6.32
CA TYR A 85 8.84 -12.32 -5.67
C TYR A 85 10.29 -12.62 -5.32
N LYS A 86 11.18 -11.69 -5.68
CA LYS A 86 12.58 -11.76 -5.28
C LYS A 86 12.99 -10.44 -4.63
N MET A 87 12.70 -9.31 -5.26
CA MET A 87 12.98 -8.02 -4.64
C MET A 87 12.03 -7.00 -5.25
N ALA A 88 11.75 -5.94 -4.47
CA ALA A 88 10.71 -5.00 -4.87
C ALA A 88 10.95 -4.46 -6.26
N GLU A 89 12.19 -4.05 -6.55
CA GLU A 89 12.47 -3.38 -7.82
C GLU A 89 12.31 -4.31 -9.01
N SER A 90 12.28 -5.63 -8.79
N SER A 90 12.27 -5.62 -8.79
CA SER A 90 12.10 -6.59 -9.87
CA SER A 90 12.10 -6.59 -9.86
C SER A 90 10.68 -7.12 -9.95
C SER A 90 10.66 -7.01 -10.05
N GLY A 91 9.75 -6.52 -9.21
CA GLY A 91 8.34 -6.80 -9.39
C GLY A 91 7.83 -7.93 -8.51
N TYR A 92 6.58 -8.30 -8.76
CA TYR A 92 5.85 -9.29 -7.96
C TYR A 92 5.77 -8.90 -6.49
N ASP A 93 5.80 -7.60 -6.20
CA ASP A 93 5.84 -7.12 -4.82
C ASP A 93 4.41 -7.06 -4.31
N ILE A 94 3.89 -8.23 -3.94
CA ILE A 94 2.49 -8.35 -3.54
C ILE A 94 2.37 -9.52 -2.57
N ALA A 95 1.53 -9.32 -1.57
CA ALA A 95 1.32 -10.31 -0.52
C ALA A 95 -0.09 -10.16 0.02
N LEU A 96 -0.69 -11.29 0.36
CA LEU A 96 -1.96 -11.32 1.06
C LEU A 96 -1.72 -11.72 2.50
N LEU A 97 -2.41 -11.05 3.42
CA LEU A 97 -2.50 -11.49 4.80
C LEU A 97 -3.89 -12.07 5.00
N LYS A 98 -3.96 -13.34 5.38
CA LYS A 98 -5.22 -13.92 5.83
C LYS A 98 -5.32 -13.71 7.33
N LEU A 99 -6.39 -13.04 7.77
CA LEU A 99 -6.56 -12.74 9.18
C LEU A 99 -7.15 -13.94 9.91
N GLU A 100 -6.97 -13.94 11.24
CA GLU A 100 -7.43 -15.07 12.03
C GLU A 100 -8.94 -15.06 12.19
N THR A 101 -9.59 -13.92 12.00
CA THR A 101 -11.04 -13.82 12.10
C THR A 101 -11.49 -12.77 11.11
N THR A 102 -12.80 -12.62 10.96
CA THR A 102 -13.34 -11.70 9.98
C THR A 102 -13.52 -10.30 10.56
N VAL A 103 -13.09 -9.30 9.80
CA VAL A 103 -13.41 -7.92 10.10
C VAL A 103 -14.91 -7.74 9.93
N ASN A 104 -15.58 -7.25 10.96
CA ASN A 104 -16.91 -6.67 10.76
C ASN A 104 -16.72 -5.26 10.25
N TYR A 105 -17.25 -4.97 9.07
CA TYR A 105 -17.04 -3.65 8.51
C TYR A 105 -17.82 -2.59 9.30
N THR A 106 -17.18 -1.45 9.53
CA THR A 106 -17.78 -0.32 10.21
C THR A 106 -17.38 0.96 9.48
N ASP A 107 -17.84 2.10 9.96
CA ASP A 107 -17.47 3.36 9.32
C ASP A 107 -15.95 3.56 9.30
N SER A 108 -15.23 2.95 10.24
CA SER A 108 -13.79 3.14 10.32
C SER A 108 -12.99 2.03 9.65
N GLN A 109 -13.62 0.92 9.25
CA GLN A 109 -12.90 -0.19 8.64
C GLN A 109 -13.77 -0.77 7.53
N ARG A 110 -13.39 -0.48 6.29
CA ARG A 110 -14.18 -0.78 5.11
C ARG A 110 -13.29 -1.38 4.05
N PRO A 111 -13.83 -2.21 3.17
CA PRO A 111 -13.03 -2.73 2.06
C PRO A 111 -12.90 -1.73 0.93
N ILE A 112 -11.80 -1.84 0.18
CA ILE A 112 -11.67 -1.16 -1.10
C ILE A 112 -11.79 -2.20 -2.22
N SER A 113 -12.50 -1.83 -3.29
CA SER A 113 -12.69 -2.72 -4.43
CA SER A 113 -12.69 -2.72 -4.42
C SER A 113 -11.40 -2.89 -5.22
N LEU A 114 -11.23 -4.08 -5.79
CA LEU A 114 -10.16 -4.30 -6.76
C LEU A 114 -10.54 -3.59 -8.06
N PRO A 115 -9.55 -3.30 -8.92
CA PRO A 115 -9.89 -2.79 -10.26
C PRO A 115 -10.86 -3.72 -10.95
N SER A 116 -11.90 -3.14 -11.56
CA SER A 116 -13.05 -3.91 -12.01
C SER A 116 -12.77 -4.57 -13.35
N LYS A 117 -13.38 -5.74 -13.55
CA LYS A 117 -13.30 -6.40 -14.83
C LYS A 117 -13.98 -5.55 -15.90
N GLY A 118 -13.26 -5.29 -17.00
CA GLY A 118 -13.73 -4.39 -18.03
C GLY A 118 -13.30 -2.96 -17.86
N ASP A 119 -12.48 -2.64 -16.85
CA ASP A 119 -11.94 -1.31 -16.65
C ASP A 119 -10.47 -1.22 -17.02
N ARG A 120 -9.97 -2.18 -17.81
CA ARG A 120 -8.53 -2.25 -18.05
C ARG A 120 -7.99 -1.00 -18.72
N ASN A 121 -8.81 -0.32 -19.53
CA ASN A 121 -8.39 0.88 -20.24
C ASN A 121 -9.06 2.14 -19.69
N VAL A 122 -9.30 2.19 -18.38
CA VAL A 122 -9.74 3.42 -17.74
C VAL A 122 -8.51 4.27 -17.42
N ILE A 123 -8.62 5.57 -17.66
CA ILE A 123 -7.57 6.52 -17.30
C ILE A 123 -7.93 7.09 -15.93
N TYR A 124 -7.19 6.67 -14.90
CA TYR A 124 -7.47 7.12 -13.55
C TYR A 124 -6.83 8.49 -13.33
N THR A 125 -7.66 9.49 -13.04
CA THR A 125 -7.20 10.85 -12.85
C THR A 125 -7.35 11.35 -11.42
N ASP A 126 -7.83 10.52 -10.49
CA ASP A 126 -8.06 10.94 -9.10
C ASP A 126 -7.45 9.89 -8.17
N CYS A 127 -6.12 9.91 -8.07
CA CYS A 127 -5.36 8.88 -7.37
C CYS A 127 -4.62 9.48 -6.18
N TRP A 128 -4.61 8.72 -5.08
CA TRP A 128 -4.08 9.19 -3.80
C TRP A 128 -3.21 8.13 -3.18
N VAL A 129 -2.12 8.56 -2.55
CA VAL A 129 -1.26 7.67 -1.79
C VAL A 129 -1.34 8.10 -0.33
N THR A 130 -1.38 7.11 0.58
CA THR A 130 -1.65 7.37 1.98
C THR A 130 -0.69 6.56 2.84
N GLY A 131 -0.35 7.08 4.02
CA GLY A 131 0.50 6.30 4.89
C GLY A 131 1.06 7.12 6.05
N TRP A 132 1.75 6.40 6.94
CA TRP A 132 2.41 6.98 8.10
C TRP A 132 3.91 7.16 7.89
N GLY A 133 4.37 7.11 6.65
CA GLY A 133 5.79 7.12 6.41
C GLY A 133 6.44 8.49 6.56
N TYR A 134 7.76 8.49 6.30
CA TYR A 134 8.58 9.68 6.38
C TYR A 134 8.01 10.80 5.50
N ARG A 135 8.19 12.04 5.95
CA ARG A 135 7.85 13.20 5.12
C ARG A 135 9.02 13.65 4.25
N LYS A 136 10.17 13.00 4.37
CA LYS A 136 11.37 13.26 3.61
C LYS A 136 12.36 12.13 3.92
N LEU A 137 13.48 12.11 3.18
CA LEU A 137 14.33 10.92 3.16
C LEU A 137 14.81 10.53 4.55
N ARG A 138 15.30 11.50 5.33
CA ARG A 138 15.72 11.24 6.71
C ARG A 138 14.73 11.95 7.63
N ASP A 139 13.74 11.21 8.09
CA ASP A 139 12.66 11.79 8.86
C ASP A 139 12.26 10.79 9.95
N LYS A 140 10.96 10.61 10.16
CA LYS A 140 10.47 9.70 11.17
C LYS A 140 9.07 9.25 10.78
N ILE A 141 8.63 8.14 11.36
CA ILE A 141 7.26 7.70 11.14
C ILE A 141 6.33 8.73 11.76
N GLN A 142 5.26 9.07 11.02
CA GLN A 142 4.32 10.11 11.40
C GLN A 142 3.24 9.55 12.30
N ASN A 143 2.77 10.38 13.23
CA ASN A 143 1.67 9.95 14.07
C ASN A 143 0.37 9.87 13.28
N THR A 144 0.04 10.93 12.53
CA THR A 144 -1.24 11.03 11.85
C THR A 144 -1.09 10.55 10.40
N LEU A 145 -1.99 9.67 9.99
CA LEU A 145 -2.04 9.20 8.61
C LEU A 145 -2.05 10.38 7.64
N GLN A 146 -1.16 10.35 6.65
CA GLN A 146 -1.02 11.43 5.69
C GLN A 146 -1.57 11.00 4.33
N LYS A 147 -1.95 11.99 3.52
CA LYS A 147 -2.49 11.75 2.18
C LYS A 147 -1.85 12.70 1.19
N ALA A 148 -1.75 12.27 -0.07
CA ALA A 148 -1.28 13.11 -1.15
C ALA A 148 -1.88 12.64 -2.47
N LYS A 149 -2.37 13.59 -3.27
CA LYS A 149 -2.85 13.30 -4.62
C LYS A 149 -1.66 13.28 -5.56
N ILE A 150 -1.55 12.22 -6.35
CA ILE A 150 -0.39 12.02 -7.21
CA ILE A 150 -0.39 12.03 -7.22
C ILE A 150 -0.85 11.54 -8.58
N PRO A 151 -0.34 12.08 -9.68
CA PRO A 151 -0.80 11.65 -11.00
C PRO A 151 -0.07 10.40 -11.49
N LEU A 152 -0.81 9.56 -12.21
CA LEU A 152 -0.18 8.39 -12.83
C LEU A 152 0.70 8.82 -14.00
N VAL A 153 1.76 8.04 -14.21
CA VAL A 153 2.74 8.25 -15.27
C VAL A 153 2.66 7.06 -16.21
N THR A 154 2.83 7.30 -17.52
CA THR A 154 2.82 6.17 -18.44
C THR A 154 4.04 5.27 -18.17
N ASN A 155 3.89 3.99 -18.52
CA ASN A 155 5.03 3.09 -18.31
C ASN A 155 6.20 3.47 -19.20
N GLU A 156 5.92 4.06 -20.37
CA GLU A 156 7.00 4.52 -21.24
C GLU A 156 7.83 5.61 -20.57
N GLU A 157 7.16 6.62 -20.01
CA GLU A 157 7.91 7.66 -19.29
C GLU A 157 8.64 7.08 -18.09
N CYS A 158 7.97 6.20 -17.35
CA CYS A 158 8.59 5.63 -16.15
C CYS A 158 9.85 4.87 -16.49
N GLN A 159 9.82 4.07 -17.56
CA GLN A 159 11.02 3.33 -17.97
C GLN A 159 12.16 4.28 -18.30
N LYS A 160 11.85 5.44 -18.92
CA LYS A 160 12.90 6.39 -19.26
C LYS A 160 13.55 6.99 -18.01
N ARG A 161 12.83 7.01 -16.88
CA ARG A 161 13.39 7.54 -15.63
C ARG A 161 14.17 6.49 -14.88
N TYR A 162 13.99 5.20 -15.21
CA TYR A 162 14.54 4.08 -14.47
C TYR A 162 15.20 3.11 -15.46
N ARG A 163 16.17 3.63 -16.21
CA ARG A 163 16.78 2.81 -17.26
C ARG A 163 17.61 1.66 -16.72
N GLY A 164 17.89 1.62 -15.43
CA GLY A 164 18.55 0.48 -14.83
C GLY A 164 17.61 -0.59 -14.30
N HIS A 165 16.31 -0.40 -14.42
CA HIS A 165 15.33 -1.37 -13.95
C HIS A 165 14.44 -1.78 -15.10
N LYS A 166 13.77 -2.91 -14.94
CA LYS A 166 12.79 -3.36 -15.94
C LYS A 166 11.42 -2.93 -15.43
N ILE A 167 10.88 -1.86 -16.02
CA ILE A 167 9.53 -1.40 -15.69
C ILE A 167 8.57 -2.19 -16.59
N THR A 168 7.79 -3.07 -15.97
CA THR A 168 6.92 -3.96 -16.73
C THR A 168 5.47 -3.51 -16.60
N HIS A 169 4.61 -4.19 -17.37
CA HIS A 169 3.19 -3.91 -17.29
C HIS A 169 2.60 -4.30 -15.94
N LYS A 170 3.33 -5.01 -15.09
CA LYS A 170 2.85 -5.31 -13.76
C LYS A 170 3.22 -4.24 -12.74
N MET A 171 3.80 -3.14 -13.20
CA MET A 171 4.08 -1.98 -12.38
C MET A 171 3.31 -0.80 -12.91
N ILE A 172 2.99 0.13 -12.01
CA ILE A 172 2.43 1.42 -12.40
C ILE A 172 3.18 2.50 -11.63
N CYS A 173 3.49 3.59 -12.31
CA CYS A 173 4.28 4.66 -11.70
C CYS A 173 3.43 5.89 -11.49
N ALA A 174 3.81 6.70 -10.50
CA ALA A 174 3.03 7.88 -10.19
C ALA A 174 3.93 8.93 -9.58
N GLY A 175 3.77 10.18 -10.00
CA GLY A 175 4.59 11.25 -9.48
C GLY A 175 4.55 12.45 -10.38
N TYR A 176 4.96 13.59 -9.81
CA TYR A 176 5.07 14.84 -10.55
C TYR A 176 6.46 14.95 -11.17
N ARG A 177 6.52 15.54 -12.37
CA ARG A 177 7.81 15.72 -13.01
C ARG A 177 8.76 16.54 -12.16
N GLU A 178 8.24 17.54 -11.47
CA GLU A 178 9.04 18.39 -10.60
C GLU A 178 9.28 17.77 -9.23
N GLY A 179 8.72 16.58 -8.96
CA GLY A 179 8.79 15.97 -7.64
C GLY A 179 7.94 16.72 -6.63
N GLY A 180 8.18 16.41 -5.35
CA GLY A 180 7.59 17.13 -4.24
C GLY A 180 6.48 16.40 -3.51
N LYS A 181 5.86 15.40 -4.15
CA LYS A 181 4.85 14.56 -3.53
C LYS A 181 5.10 13.11 -3.92
N ASP A 182 5.13 12.22 -2.94
CA ASP A 182 5.54 10.84 -3.18
C ASP A 182 5.35 10.06 -1.89
N ALA A 183 5.36 8.74 -2.02
CA ALA A 183 5.54 7.90 -0.85
C ALA A 183 6.98 7.98 -0.38
N CYS A 184 7.20 7.55 0.86
CA CYS A 184 8.56 7.47 1.38
C CYS A 184 8.61 6.34 2.41
N LYS A 185 9.72 6.27 3.16
CA LYS A 185 9.96 5.15 4.07
C LYS A 185 8.82 4.99 5.07
N GLY A 186 8.23 3.80 5.09
CA GLY A 186 7.13 3.49 5.98
C GLY A 186 5.79 3.48 5.30
N ASP A 187 5.73 3.93 4.04
CA ASP A 187 4.48 3.92 3.29
C ASP A 187 4.28 2.65 2.49
N SER A 188 5.35 1.87 2.27
CA SER A 188 5.21 0.72 1.39
C SER A 188 4.18 -0.27 1.94
N GLY A 189 3.56 -0.99 1.02
CA GLY A 189 2.47 -1.88 1.32
C GLY A 189 1.11 -1.23 1.34
N GLY A 190 1.05 0.10 1.53
CA GLY A 190 -0.22 0.79 1.52
C GLY A 190 -0.78 0.98 0.14
N PRO A 191 -1.96 1.57 0.09
CA PRO A 191 -2.69 1.69 -1.19
C PRO A 191 -2.29 2.92 -1.99
N LEU A 192 -2.33 2.72 -3.31
CA LEU A 192 -2.56 3.80 -4.26
C LEU A 192 -4.03 3.66 -4.66
N SER A 193 -4.87 4.57 -4.15
CA SER A 193 -6.33 4.47 -4.28
C SER A 193 -6.78 5.47 -5.32
N CYS A 194 -7.57 5.01 -6.29
CA CYS A 194 -8.10 5.90 -7.33
C CYS A 194 -9.61 5.84 -7.34
N LYS A 195 -10.25 7.00 -7.41
CA LYS A 195 -11.70 7.08 -7.44
C LYS A 195 -12.17 7.23 -8.88
N HIS A 196 -13.11 6.38 -9.28
CA HIS A 196 -13.67 6.41 -10.63
C HIS A 196 -15.15 6.16 -10.52
N ASN A 197 -15.96 7.06 -11.06
CA ASN A 197 -17.41 6.97 -10.92
C ASN A 197 -17.81 6.90 -9.45
N GLU A 198 -17.08 7.67 -8.63
CA GLU A 198 -17.33 7.82 -7.19
C GLU A 198 -17.14 6.52 -6.42
N VAL A 199 -16.45 5.54 -7.00
CA VAL A 199 -16.08 4.31 -6.31
C VAL A 199 -14.56 4.25 -6.23
N TRP A 200 -14.04 3.90 -5.05
CA TRP A 200 -12.60 3.77 -4.88
C TRP A 200 -12.12 2.40 -5.33
N HIS A 201 -10.98 2.37 -6.01
CA HIS A 201 -10.36 1.15 -6.49
C HIS A 201 -8.91 1.10 -6.06
N LEU A 202 -8.46 -0.09 -5.66
CA LEU A 202 -7.08 -0.32 -5.24
C LEU A 202 -6.24 -0.51 -6.50
N VAL A 203 -5.69 0.58 -7.03
CA VAL A 203 -5.00 0.51 -8.30
C VAL A 203 -3.54 0.09 -8.11
N GLY A 204 -2.90 0.52 -7.03
CA GLY A 204 -1.50 0.20 -6.81
C GLY A 204 -1.22 -0.19 -5.37
N ILE A 205 -0.08 -0.85 -5.19
CA ILE A 205 0.51 -1.09 -3.87
C ILE A 205 1.85 -0.37 -3.82
N THR A 206 2.00 0.52 -2.86
CA THR A 206 3.23 1.29 -2.72
C THR A 206 4.45 0.37 -2.59
N SER A 207 5.42 0.52 -3.50
CA SER A 207 6.49 -0.47 -3.61
C SER A 207 7.91 0.09 -3.50
N TRP A 208 8.36 0.94 -4.43
CA TRP A 208 9.74 1.39 -4.38
C TRP A 208 9.91 2.67 -5.20
N GLY A 209 11.08 3.28 -5.04
CA GLY A 209 11.44 4.44 -5.85
C GLY A 209 12.84 4.86 -5.50
N GLU A 210 13.41 5.71 -6.36
CA GLU A 210 14.75 6.23 -6.15
C GLU A 210 14.63 7.51 -5.33
N GLY A 211 14.99 7.43 -4.05
CA GLY A 211 14.73 8.57 -3.19
C GLY A 211 13.24 8.75 -2.95
N CYS A 212 12.88 9.93 -2.44
CA CYS A 212 11.51 10.26 -2.11
C CYS A 212 11.16 11.61 -2.73
N ALA A 213 10.20 11.61 -3.66
CA ALA A 213 9.66 12.83 -4.25
C ALA A 213 10.73 13.63 -4.99
N GLN A 214 11.72 12.96 -5.53
CA GLN A 214 12.73 13.63 -6.33
C GLN A 214 12.20 13.95 -7.72
N ARG A 215 12.75 15.00 -8.30
CA ARG A 215 12.41 15.38 -9.67
C ARG A 215 12.62 14.21 -10.62
N GLU A 216 11.62 13.97 -11.48
CA GLU A 216 11.71 12.99 -12.56
C GLU A 216 12.02 11.57 -12.06
N ARG A 217 11.64 11.25 -10.83
CA ARG A 217 11.80 9.91 -10.30
C ARG A 217 10.48 9.51 -9.65
N PRO A 218 9.54 9.01 -10.44
CA PRO A 218 8.23 8.67 -9.87
C PRO A 218 8.32 7.49 -8.93
N GLY A 219 7.38 7.44 -8.00
CA GLY A 219 7.20 6.24 -7.21
C GLY A 219 6.67 5.11 -8.07
N VAL A 220 7.04 3.89 -7.69
CA VAL A 220 6.68 2.69 -8.45
C VAL A 220 5.78 1.84 -7.57
N TYR A 221 4.67 1.39 -8.13
CA TYR A 221 3.62 0.69 -7.41
C TYR A 221 3.35 -0.64 -8.12
N THR A 222 2.98 -1.65 -7.33
CA THR A 222 2.52 -2.89 -7.94
C THR A 222 1.19 -2.61 -8.62
N ASN A 223 1.06 -3.02 -9.88
CA ASN A 223 -0.13 -2.76 -10.69
C ASN A 223 -1.19 -3.81 -10.36
N VAL A 224 -2.10 -3.48 -9.45
CA VAL A 224 -2.98 -4.49 -8.87
C VAL A 224 -3.85 -5.19 -9.91
N VAL A 225 -4.29 -4.48 -10.96
CA VAL A 225 -5.19 -5.12 -11.93
C VAL A 225 -4.54 -6.34 -12.57
N GLU A 226 -3.20 -6.35 -12.69
CA GLU A 226 -2.49 -7.47 -13.30
C GLU A 226 -2.38 -8.66 -12.36
N TYR A 227 -2.79 -8.51 -11.11
CA TYR A 227 -2.75 -9.58 -10.11
C TYR A 227 -4.13 -10.00 -9.65
N VAL A 228 -5.20 -9.55 -10.31
CA VAL A 228 -6.54 -9.88 -9.83
C VAL A 228 -6.77 -11.39 -9.88
N ASP A 229 -6.35 -12.05 -10.95
CA ASP A 229 -6.52 -13.49 -11.03
C ASP A 229 -5.79 -14.19 -9.90
N TRP A 230 -4.58 -13.74 -9.59
CA TRP A 230 -3.81 -14.31 -8.48
C TRP A 230 -4.50 -14.10 -7.15
N ILE A 231 -5.02 -12.90 -6.91
CA ILE A 231 -5.74 -12.61 -5.68
C ILE A 231 -6.97 -13.49 -5.56
N LEU A 232 -7.76 -13.56 -6.62
CA LEU A 232 -8.97 -14.38 -6.57
C LEU A 232 -8.64 -15.84 -6.33
N GLU A 233 -7.57 -16.34 -6.94
CA GLU A 233 -7.18 -17.72 -6.74
C GLU A 233 -6.83 -17.97 -5.28
N LYS A 234 -6.07 -17.05 -4.67
CA LYS A 234 -5.62 -17.28 -3.29
C LYS A 234 -6.76 -17.10 -2.30
N THR A 235 -7.66 -16.14 -2.54
CA THR A 235 -8.75 -15.86 -1.62
C THR A 235 -9.95 -16.78 -1.84
N GLN A 236 -9.88 -17.68 -2.81
CA GLN A 236 -10.89 -18.71 -2.97
C GLN A 236 -10.27 -20.10 -2.77
C1 CIT B . -9.57 12.62 0.31
O1 CIT B . -8.92 13.59 0.75
O2 CIT B . -10.21 11.88 1.09
C2 CIT B . -9.56 12.35 -1.17
C3 CIT B . -10.70 13.09 -1.85
O7 CIT B . -10.45 14.51 -1.76
C4 CIT B . -10.75 12.62 -3.29
C5 CIT B . -11.71 13.49 -4.06
O3 CIT B . -12.11 14.58 -3.58
O4 CIT B . -12.11 13.12 -5.17
C6 CIT B . -12.03 12.79 -1.16
O5 CIT B . -12.37 13.42 -0.14
O6 CIT B . -12.80 11.93 -1.63
C4 ORF C . 9.69 3.03 -0.20
C5 ORF C . 10.74 2.11 -0.19
C6 ORF C . 10.91 1.25 0.90
C7 ORF C . 10.02 1.30 1.96
C8 ORF C . 10.08 0.43 3.17
C10 ORF C . 10.75 -1.75 4.12
C15 ORF C . 11.16 1.77 6.34
C21 ORF C . 11.79 3.58 9.53
C24 ORF C . 10.00 1.77 8.61
C26 ORF C . 9.44 3.93 -1.32
C11 ORF C . 9.48 -2.31 4.68
C12 ORF C . 10.47 -3.23 4.01
C14 ORF C . 10.17 1.24 5.54
C16 ORF C . 12.28 1.82 5.50
C18 ORF C . 10.99 2.20 7.72
C19 ORF C . 11.90 3.13 8.23
C23 ORF C . 9.95 2.26 9.90
C27 ORF C . 8.28 3.74 -2.06
C29 ORF C . 7.97 4.58 -3.13
C3 ORF C . 8.84 3.03 0.89
C31 ORF C . 8.80 5.64 -3.48
C32 ORF C . 9.97 5.83 -2.75
C33 ORF C . 10.28 4.98 -1.68
C35 ORF C . 12.73 5.27 -1.52
C9 ORF C . 10.68 -0.93 2.88
F20 ORF C . 12.89 3.60 7.45
F28 ORF C . 7.46 2.73 -1.75
N13 ORF C . 10.75 1.01 4.32
N17 ORF C . 12.05 1.35 4.26
N2 ORF C . 9.01 2.20 1.92
N22 ORF C . 10.82 3.16 10.38
N34 ORF C . 11.49 5.19 -0.99
N36 ORF C . 13.58 5.52 -0.55
N37 ORF C . 12.82 5.58 0.60
N38 ORF C . 11.53 5.37 0.34
O1 ORF C . 8.19 2.25 2.89
CL25 ORF C . 8.81 0.62 8.17
CL30 ORF C . 6.53 4.30 -4.03
#